data_6P9N
#
_entry.id   6P9N
#
_cell.length_a   66.360
_cell.length_b   67.850
_cell.length_c   86.410
_cell.angle_alpha   90.00
_cell.angle_beta   90.00
_cell.angle_gamma   90.00
#
_symmetry.space_group_name_H-M   'P 21 21 21'
#
loop_
_entity.id
_entity.type
_entity.pdbx_description
1 polymer 'HIV-1 LM/HT Clade A/E CRF01 gp120'
2 non-polymer 2-acetamido-2-deoxy-beta-D-glucopyranose
3 non-polymer (3S)-N~1~-(2-aminoethyl)-N~3~-(4-chloro-3-fluorophenyl)piperidine-1,3-dicarboxamide
4 non-polymer '4-(2-HYDROXYETHYL)-1-PIPERAZINE ETHANESULFONIC ACID'
5 water water
#
_entity_poly.entity_id   1
_entity_poly.type   'polypeptide(L)'
_entity_poly.pdbx_seq_one_letter_code
;VPVWKDADTTLFCASDAKAYETEVHNVWATHACVPTDPNPQEIHLENVTENFNMWKNNMVEQMHEDIISLWDQSLQPCVK
LTGGSVIKQACPKISFDPIPIHYCTPAGYVILKCNDKNFNGTGPCKNVSSVQCTHGIKPVVSTQLLLNGSLAEEEIIIRS
ENLTNNAKTIIVHLNKSVEINCTRPSNGGSGSGGDIRKAYCEINGTKWNKVLKQVTEKLKEHFNNKTIIFQPPSGGDLEI
TMHTFNCRGEFFYCNTTQLFNNTCIGNETMKGCNGTITLPCKIKQIINMWQGTGQAMYAPPIDGKINCVSNITGILLTRD
GGANNTSNETFRPGGGDMRDNWRSELYKYKVVQIE
;
_entity_poly.pdbx_strand_id   A
#
loop_
_chem_comp.id
_chem_comp.type
_chem_comp.name
_chem_comp.formula
EPE non-polymer '4-(2-HYDROXYETHYL)-1-PIPERAZINE ETHANESULFONIC ACID' 'C8 H18 N2 O4 S'
NAG D-saccharide, beta linking 2-acetamido-2-deoxy-beta-D-glucopyranose 'C8 H15 N O6'
O51 non-polymer (3S)-N~1~-(2-aminoethyl)-N~3~-(4-chloro-3-fluorophenyl)piperidine-1,3-dicarboxamide 'C15 H20 Cl F N4 O2'
#
# COMPACT_ATOMS: atom_id res chain seq x y z
N PRO A 2 -0.12 -7.83 -33.79
CA PRO A 2 -0.80 -7.03 -32.76
C PRO A 2 -0.33 -5.58 -32.75
N VAL A 3 -1.26 -4.62 -32.68
CA VAL A 3 -0.93 -3.20 -32.63
C VAL A 3 -1.92 -2.51 -31.71
N TRP A 4 -1.42 -1.63 -30.85
CA TRP A 4 -2.21 -1.02 -29.80
C TRP A 4 -1.91 0.47 -29.69
N LYS A 5 -2.61 1.13 -28.76
CA LYS A 5 -2.55 2.57 -28.53
C LYS A 5 -2.90 2.80 -27.08
N ASP A 6 -2.43 3.91 -26.51
CA ASP A 6 -2.70 4.22 -25.11
C ASP A 6 -4.14 4.68 -24.93
N ALA A 7 -4.83 4.13 -23.92
CA ALA A 7 -6.23 4.45 -23.72
C ALA A 7 -6.66 4.14 -22.29
N ASP A 8 -7.63 4.90 -21.81
CA ASP A 8 -8.34 4.61 -20.57
C ASP A 8 -9.68 3.96 -20.89
N THR A 9 -10.11 3.03 -20.06
CA THR A 9 -11.44 2.45 -20.17
C THR A 9 -11.81 1.84 -18.82
N THR A 10 -13.09 1.49 -18.69
CA THR A 10 -13.60 0.96 -17.44
C THR A 10 -13.21 -0.51 -17.29
N LEU A 11 -12.64 -0.85 -16.15
CA LEU A 11 -12.19 -2.20 -15.85
C LEU A 11 -13.27 -2.96 -15.11
N PHE A 12 -13.12 -4.27 -15.06
CA PHE A 12 -13.90 -5.12 -14.19
C PHE A 12 -12.95 -5.92 -13.32
N CYS A 13 -13.49 -6.53 -12.28
CA CYS A 13 -12.69 -7.17 -11.25
C CYS A 13 -13.03 -8.66 -11.15
N ALA A 14 -12.10 -9.42 -10.57
CA ALA A 14 -12.24 -10.85 -10.41
C ALA A 14 -11.59 -11.27 -9.09
N SER A 15 -12.03 -12.40 -8.57
CA SER A 15 -11.59 -12.82 -7.24
C SER A 15 -11.74 -14.34 -7.10
N ASP A 16 -11.24 -14.84 -5.99
CA ASP A 16 -11.48 -16.21 -5.52
C ASP A 16 -12.48 -16.23 -4.37
N ALA A 17 -13.36 -15.23 -4.33
CA ALA A 17 -14.17 -14.98 -3.14
C ALA A 17 -15.13 -16.13 -2.86
N LYS A 18 -15.28 -16.44 -1.58
CA LYS A 18 -16.11 -17.55 -1.15
C LYS A 18 -17.51 -17.03 -0.81
N ALA A 19 -18.52 -17.56 -1.52
CA ALA A 19 -19.88 -17.08 -1.35
C ALA A 19 -20.49 -17.47 -0.01
N TYR A 20 -19.85 -18.39 0.73
CA TYR A 20 -20.31 -18.76 2.05
C TYR A 20 -19.68 -17.94 3.16
N GLU A 21 -18.71 -17.10 2.83
CA GLU A 21 -18.02 -16.31 3.84
C GLU A 21 -18.83 -15.07 4.21
N THR A 22 -18.75 -14.70 5.48
CA THR A 22 -19.29 -13.42 5.94
C THR A 22 -18.22 -12.35 6.06
N GLU A 23 -16.96 -12.70 5.81
CA GLU A 23 -15.90 -11.71 5.72
C GLU A 23 -16.26 -10.71 4.62
N VAL A 24 -16.00 -9.43 4.89
CA VAL A 24 -16.59 -8.37 4.07
C VAL A 24 -15.90 -8.24 2.72
N HIS A 25 -14.60 -8.46 2.63
CA HIS A 25 -13.95 -8.48 1.32
C HIS A 25 -14.55 -9.57 0.43
N ASN A 26 -14.86 -10.73 1.04
CA ASN A 26 -15.48 -11.81 0.28
C ASN A 26 -16.90 -11.47 -0.13
N VAL A 27 -17.67 -10.86 0.78
CA VAL A 27 -19.06 -10.52 0.47
C VAL A 27 -19.12 -9.47 -0.64
N TRP A 28 -18.17 -8.53 -0.64
CA TRP A 28 -18.16 -7.48 -1.65
C TRP A 28 -17.69 -8.03 -2.99
N ALA A 29 -16.63 -8.84 -2.98
CA ALA A 29 -16.15 -9.46 -4.21
C ALA A 29 -17.13 -10.47 -4.76
N THR A 30 -18.03 -11.00 -3.93
CA THR A 30 -19.00 -11.98 -4.40
C THR A 30 -20.04 -11.34 -5.34
N HIS A 31 -20.36 -10.06 -5.14
CA HIS A 31 -21.39 -9.42 -5.93
C HIS A 31 -20.91 -8.25 -6.77
N ALA A 32 -19.64 -7.87 -6.68
CA ALA A 32 -19.09 -6.82 -7.52
C ALA A 32 -18.07 -7.32 -8.53
N CYS A 33 -17.61 -8.57 -8.40
CA CYS A 33 -16.59 -9.13 -9.26
C CYS A 33 -17.00 -10.51 -9.75
N VAL A 34 -16.43 -10.91 -10.87
CA VAL A 34 -16.64 -12.25 -11.44
C VAL A 34 -15.60 -13.18 -10.81
N PRO A 35 -15.65 -14.49 -11.04
CA PRO A 35 -14.56 -15.35 -10.57
C PRO A 35 -13.30 -15.13 -11.39
N THR A 36 -12.17 -15.53 -10.81
CA THR A 36 -10.90 -15.34 -11.50
C THR A 36 -10.81 -16.23 -12.74
N ASP A 37 -10.10 -15.73 -13.74
CA ASP A 37 -9.82 -16.40 -15.01
C ASP A 37 -9.36 -17.83 -14.77
N PRO A 38 -10.17 -18.84 -15.12
CA PRO A 38 -9.76 -20.23 -14.89
C PRO A 38 -8.57 -20.67 -15.74
N ASN A 39 -8.30 -20.01 -16.87
CA ASN A 39 -7.17 -20.35 -17.73
C ASN A 39 -6.43 -19.08 -18.13
N PRO A 40 -5.69 -18.46 -17.20
CA PRO A 40 -4.97 -17.23 -17.51
C PRO A 40 -3.71 -17.52 -18.33
N GLN A 41 -3.46 -16.69 -19.35
CA GLN A 41 -2.28 -16.88 -20.16
C GLN A 41 -1.57 -15.55 -20.42
N GLU A 42 -0.28 -15.54 -20.09
CA GLU A 42 0.61 -14.42 -20.31
C GLU A 42 1.42 -14.70 -21.58
N ILE A 43 1.48 -13.72 -22.48
CA ILE A 43 2.14 -13.91 -23.77
C ILE A 43 3.16 -12.81 -23.97
N HIS A 44 4.40 -13.20 -24.28
CA HIS A 44 5.50 -12.28 -24.48
C HIS A 44 5.32 -11.52 -25.79
N LEU A 45 5.80 -10.27 -25.81
CA LEU A 45 5.76 -9.41 -26.98
C LEU A 45 7.19 -9.28 -27.49
N GLU A 46 7.48 -9.94 -28.60
CA GLU A 46 8.85 -10.12 -29.06
C GLU A 46 9.42 -8.83 -29.63
N ASN A 47 10.59 -8.43 -29.13
CA ASN A 47 11.32 -7.25 -29.61
C ASN A 47 10.50 -5.97 -29.48
N VAL A 48 9.65 -5.91 -28.46
CA VAL A 48 8.74 -4.78 -28.25
C VAL A 48 9.23 -3.97 -27.06
N THR A 49 9.40 -2.66 -27.25
CA THR A 49 9.72 -1.72 -26.19
C THR A 49 8.52 -0.81 -25.99
N GLU A 50 8.06 -0.71 -24.74
CA GLU A 50 6.87 0.04 -24.39
C GLU A 50 7.18 0.85 -23.14
N ASN A 51 6.87 2.14 -23.16
CA ASN A 51 7.18 3.00 -22.04
C ASN A 51 5.96 3.15 -21.13
N PHE A 52 6.21 3.11 -19.83
CA PHE A 52 5.17 3.13 -18.82
C PHE A 52 5.28 4.39 -17.98
N ASN A 53 4.23 4.66 -17.21
CA ASN A 53 4.23 5.79 -16.29
C ASN A 53 3.21 5.50 -15.19
N MET A 54 3.69 4.95 -14.06
CA MET A 54 2.83 4.55 -12.96
C MET A 54 2.15 5.73 -12.26
N TRP A 55 2.72 6.93 -12.36
CA TRP A 55 2.15 8.13 -11.80
C TRP A 55 1.11 8.75 -12.73
N LYS A 56 0.79 8.04 -13.80
CA LYS A 56 0.03 8.52 -14.93
C LYS A 56 -0.79 7.32 -15.42
N ASN A 57 -1.49 6.68 -14.50
CA ASN A 57 -2.17 5.42 -14.77
C ASN A 57 -3.57 5.46 -14.18
N ASN A 58 -4.57 5.43 -15.05
CA ASN A 58 -5.96 5.44 -14.65
C ASN A 58 -6.34 4.17 -13.88
N MET A 59 -5.59 3.08 -14.06
CA MET A 59 -5.81 1.87 -13.29
C MET A 59 -5.84 2.15 -11.79
N VAL A 60 -4.97 3.06 -11.33
CA VAL A 60 -4.88 3.36 -9.91
C VAL A 60 -6.18 3.97 -9.40
N GLU A 61 -6.63 5.06 -10.06
CA GLU A 61 -7.81 5.75 -9.59
C GLU A 61 -9.07 4.90 -9.74
N GLN A 62 -9.07 3.95 -10.68
CA GLN A 62 -10.17 3.00 -10.80
C GLN A 62 -10.22 2.05 -9.61
N MET A 63 -9.07 1.51 -9.20
CA MET A 63 -9.03 0.69 -7.99
C MET A 63 -9.41 1.50 -6.76
N HIS A 64 -8.97 2.76 -6.70
CA HIS A 64 -9.27 3.62 -5.57
C HIS A 64 -10.78 3.76 -5.37
N GLU A 65 -11.52 3.97 -6.46
CA GLU A 65 -12.97 4.07 -6.38
C GLU A 65 -13.57 2.79 -5.81
N ASP A 66 -12.97 1.65 -6.11
CA ASP A 66 -13.51 0.37 -5.64
C ASP A 66 -13.28 0.17 -4.15
N ILE A 67 -12.10 0.54 -3.65
CA ILE A 67 -11.83 0.35 -2.23
C ILE A 67 -12.67 1.32 -1.41
N ILE A 68 -12.88 2.52 -1.93
CA ILE A 68 -13.86 3.43 -1.33
C ILE A 68 -15.22 2.77 -1.27
N SER A 69 -15.67 2.22 -2.40
CA SER A 69 -16.94 1.49 -2.43
C SER A 69 -16.97 0.38 -1.39
N LEU A 70 -15.90 -0.44 -1.35
CA LEU A 70 -15.88 -1.60 -0.46
C LEU A 70 -15.97 -1.19 1.00
N TRP A 71 -15.25 -0.12 1.39
CA TRP A 71 -15.26 0.28 2.79
C TRP A 71 -16.60 0.87 3.21
N ASP A 72 -17.23 1.64 2.32
CA ASP A 72 -18.48 2.28 2.66
C ASP A 72 -19.61 1.27 2.85
N GLN A 73 -19.57 0.12 2.16
CA GLN A 73 -20.60 -0.89 2.34
C GLN A 73 -20.26 -1.91 3.42
N SER A 74 -18.98 -2.05 3.78
CA SER A 74 -18.57 -3.11 4.67
C SER A 74 -18.41 -2.65 6.11
N LEU A 75 -17.89 -1.45 6.32
CA LEU A 75 -17.60 -0.97 7.67
C LEU A 75 -18.86 -0.40 8.29
N GLN A 76 -19.24 -0.90 9.46
CA GLN A 76 -20.47 -0.46 10.11
C GLN A 76 -20.13 0.44 11.29
N PRO A 77 -20.15 1.76 11.11
CA PRO A 77 -19.79 2.67 12.20
C PRO A 77 -20.99 3.00 13.05
N CYS A 78 -20.76 3.19 14.34
CA CYS A 78 -21.85 3.60 15.22
C CYS A 78 -22.45 4.91 14.75
N VAL A 79 -21.61 5.93 14.48
CA VAL A 79 -22.09 7.20 13.93
C VAL A 79 -21.13 7.74 12.89
N LYS A 80 -21.70 8.25 11.78
CA LYS A 80 -20.98 8.71 10.58
C LYS A 80 -20.98 10.25 10.56
N LEU A 81 -19.84 10.85 10.87
CA LEU A 81 -19.74 12.31 10.97
C LEU A 81 -19.09 12.84 9.70
N THR A 82 -19.92 13.26 8.75
CA THR A 82 -19.47 13.77 7.47
C THR A 82 -19.80 15.25 7.35
N GLY A 83 -19.31 15.87 6.26
CA GLY A 83 -19.32 17.32 6.08
C GLY A 83 -20.52 18.10 6.59
N GLY A 84 -20.51 18.45 7.87
CA GLY A 84 -21.64 19.15 8.44
C GLY A 84 -22.86 18.28 8.64
N SER A 85 -22.66 16.97 8.63
CA SER A 85 -23.72 16.00 8.72
C SER A 85 -23.52 15.12 9.93
N VAL A 86 -24.59 14.49 10.39
CA VAL A 86 -24.48 13.47 11.43
C VAL A 86 -25.48 12.35 11.14
N ILE A 87 -25.01 11.11 11.27
CA ILE A 87 -25.81 9.91 11.07
C ILE A 87 -25.51 8.94 12.21
N LYS A 88 -26.55 8.28 12.72
CA LYS A 88 -26.44 7.34 13.84
C LYS A 88 -27.01 5.99 13.41
N GLN A 89 -26.21 4.92 13.56
CA GLN A 89 -26.61 3.60 13.08
C GLN A 89 -26.40 2.51 14.12
N ALA A 90 -26.14 1.29 13.65
CA ALA A 90 -25.71 0.18 14.49
C ALA A 90 -24.36 -0.31 13.98
N CYS A 91 -23.50 -0.70 14.90
CA CYS A 91 -22.09 -0.96 14.61
C CYS A 91 -21.66 -2.33 15.16
N PRO A 92 -22.24 -3.42 14.67
CA PRO A 92 -21.77 -4.74 15.10
C PRO A 92 -20.35 -4.99 14.59
N LYS A 93 -19.68 -5.93 15.23
CA LYS A 93 -18.33 -6.30 14.82
C LYS A 93 -18.40 -7.19 13.60
N ILE A 94 -17.42 -7.03 12.71
CA ILE A 94 -17.41 -7.66 11.40
C ILE A 94 -16.20 -8.57 11.29
N SER A 95 -16.18 -9.36 10.22
CA SER A 95 -15.02 -10.17 9.86
C SER A 95 -14.30 -9.48 8.71
N PHE A 96 -13.03 -9.13 8.92
CA PHE A 96 -12.27 -8.26 8.04
C PHE A 96 -10.92 -8.90 7.77
N ASP A 97 -10.64 -9.20 6.50
CA ASP A 97 -9.37 -9.78 6.07
C ASP A 97 -9.27 -9.68 4.55
N PRO A 98 -8.44 -8.79 4.03
CA PRO A 98 -8.44 -8.51 2.58
C PRO A 98 -8.03 -9.72 1.74
N ILE A 99 -8.68 -9.86 0.58
CA ILE A 99 -8.41 -10.92 -0.39
C ILE A 99 -7.86 -10.31 -1.66
N PRO A 100 -7.16 -11.08 -2.50
CA PRO A 100 -6.59 -10.50 -3.73
C PRO A 100 -7.66 -10.23 -4.77
N ILE A 101 -7.43 -9.18 -5.57
CA ILE A 101 -8.34 -8.76 -6.62
C ILE A 101 -7.56 -8.59 -7.91
N HIS A 102 -8.13 -9.08 -9.00
CA HIS A 102 -7.54 -8.97 -10.33
C HIS A 102 -8.31 -7.94 -11.13
N TYR A 103 -7.58 -7.09 -11.85
CA TYR A 103 -8.17 -6.04 -12.66
C TYR A 103 -8.01 -6.40 -14.12
N CYS A 104 -9.13 -6.40 -14.85
CA CYS A 104 -9.22 -6.99 -16.17
C CYS A 104 -9.88 -6.03 -17.13
N THR A 105 -9.44 -6.06 -18.35
CA THR A 105 -9.90 -5.22 -19.45
C THR A 105 -11.12 -5.86 -20.13
N PRO A 106 -12.03 -5.02 -20.61
CA PRO A 106 -13.13 -5.51 -21.44
C PRO A 106 -12.66 -5.71 -22.87
N ALA A 107 -13.59 -6.08 -23.73
CA ALA A 107 -13.27 -6.40 -25.12
C ALA A 107 -12.67 -5.18 -25.84
N GLY A 108 -11.68 -5.43 -26.67
CA GLY A 108 -11.00 -4.37 -27.38
C GLY A 108 -9.80 -3.79 -26.66
N TYR A 109 -9.56 -4.22 -25.43
CA TYR A 109 -8.49 -3.68 -24.60
C TYR A 109 -7.70 -4.84 -24.00
N VAL A 110 -6.43 -4.57 -23.69
CA VAL A 110 -5.59 -5.56 -23.06
C VAL A 110 -4.63 -4.84 -22.12
N ILE A 111 -4.03 -5.60 -21.22
CA ILE A 111 -3.12 -5.07 -20.23
C ILE A 111 -1.69 -5.43 -20.64
N LEU A 112 -0.80 -4.45 -20.57
CA LEU A 112 0.61 -4.64 -20.86
C LEU A 112 1.37 -4.74 -19.56
N LYS A 113 2.20 -5.77 -19.43
CA LYS A 113 2.95 -6.05 -18.21
C LYS A 113 4.43 -5.79 -18.44
N CYS A 114 5.03 -4.96 -17.59
CA CYS A 114 6.46 -4.69 -17.66
C CYS A 114 7.18 -5.75 -16.82
N ASN A 115 8.09 -6.48 -17.46
CA ASN A 115 8.80 -7.56 -16.79
C ASN A 115 10.28 -7.26 -16.56
N ASP A 116 10.73 -6.04 -16.86
CA ASP A 116 12.11 -5.69 -16.58
C ASP A 116 12.31 -5.57 -15.08
N LYS A 117 13.28 -6.33 -14.56
CA LYS A 117 13.35 -6.60 -13.12
C LYS A 117 13.65 -5.36 -12.31
N ASN A 118 14.31 -4.35 -12.89
CA ASN A 118 14.66 -3.13 -12.17
C ASN A 118 13.95 -1.91 -12.75
N PHE A 119 12.80 -2.14 -13.38
CA PHE A 119 11.95 -1.05 -13.86
C PHE A 119 11.49 -0.21 -12.67
N ASN A 120 11.73 1.10 -12.75
CA ASN A 120 11.43 1.97 -11.62
C ASN A 120 10.01 2.53 -11.63
N GLY A 121 9.27 2.35 -12.71
CA GLY A 121 7.88 2.77 -12.79
C GLY A 121 7.57 3.74 -13.91
N THR A 122 8.57 4.48 -14.41
CA THR A 122 8.40 5.36 -15.55
C THR A 122 9.55 5.11 -16.53
N GLY A 123 9.25 5.18 -17.82
CA GLY A 123 10.26 4.99 -18.83
C GLY A 123 10.10 3.69 -19.61
N PRO A 124 11.10 3.37 -20.43
CA PRO A 124 10.97 2.25 -21.35
C PRO A 124 11.10 0.89 -20.70
N CYS A 125 10.26 -0.05 -21.17
CA CYS A 125 10.29 -1.44 -20.71
C CYS A 125 10.65 -2.32 -21.89
N LYS A 126 11.70 -3.12 -21.74
CA LYS A 126 12.23 -3.95 -22.82
C LYS A 126 11.63 -5.36 -22.86
N ASN A 127 11.06 -5.82 -21.75
CA ASN A 127 10.52 -7.17 -21.61
C ASN A 127 9.04 -7.03 -21.29
N VAL A 128 8.21 -6.94 -22.33
CA VAL A 128 6.80 -6.59 -22.17
C VAL A 128 5.93 -7.83 -22.35
N SER A 129 4.90 -7.95 -21.53
CA SER A 129 3.95 -9.03 -21.56
C SER A 129 2.56 -8.53 -21.92
N SER A 130 1.67 -9.48 -22.20
CA SER A 130 0.27 -9.21 -22.49
C SER A 130 -0.57 -10.10 -21.57
N VAL A 131 -1.47 -9.48 -20.81
CA VAL A 131 -2.36 -10.23 -19.91
C VAL A 131 -3.77 -9.70 -20.04
N GLN A 132 -4.75 -10.57 -19.76
CA GLN A 132 -6.14 -10.18 -19.72
C GLN A 132 -6.52 -9.60 -18.36
N CYS A 133 -5.79 -9.98 -17.32
CA CYS A 133 -6.01 -9.51 -15.96
C CYS A 133 -4.66 -9.31 -15.29
N THR A 134 -4.60 -8.39 -14.34
CA THR A 134 -3.44 -8.32 -13.47
C THR A 134 -3.40 -9.55 -12.59
N HIS A 135 -2.43 -9.62 -11.68
CA HIS A 135 -2.42 -10.68 -10.69
C HIS A 135 -3.26 -10.26 -9.49
N GLY A 136 -3.38 -11.14 -8.51
CA GLY A 136 -4.19 -10.84 -7.35
C GLY A 136 -3.59 -9.82 -6.41
N ILE A 137 -4.20 -8.65 -6.30
CA ILE A 137 -3.69 -7.55 -5.49
C ILE A 137 -4.57 -7.39 -4.25
N LYS A 138 -3.95 -7.38 -3.08
CA LYS A 138 -4.68 -7.17 -1.84
C LYS A 138 -4.88 -5.69 -1.59
N PRO A 139 -6.10 -5.23 -1.33
CA PRO A 139 -6.36 -3.81 -1.03
C PRO A 139 -6.04 -3.48 0.44
N VAL A 140 -4.76 -3.36 0.75
CA VAL A 140 -4.32 -3.12 2.12
C VAL A 140 -4.21 -1.62 2.34
N VAL A 141 -5.02 -1.11 3.26
CA VAL A 141 -5.04 0.31 3.57
C VAL A 141 -4.02 0.58 4.66
N SER A 142 -3.00 1.37 4.34
CA SER A 142 -1.77 1.45 5.10
C SER A 142 -1.27 2.89 5.13
N THR A 143 -0.51 3.22 6.17
CA THR A 143 0.28 4.43 6.19
C THR A 143 1.71 4.08 6.57
N GLN A 144 2.65 4.91 6.14
CA GLN A 144 4.09 4.76 6.42
C GLN A 144 4.69 3.47 5.84
N LEU A 145 4.05 2.33 6.04
CA LEU A 145 4.59 1.04 5.60
C LEU A 145 3.60 0.34 4.69
N LEU A 146 4.08 -0.23 3.59
CA LEU A 146 3.26 -1.03 2.69
C LEU A 146 3.28 -2.49 3.14
N LEU A 147 2.10 -3.08 3.33
CA LEU A 147 1.98 -4.38 3.96
C LEU A 147 1.39 -5.41 3.00
N ASN A 148 1.93 -6.63 3.09
CA ASN A 148 1.36 -7.80 2.41
C ASN A 148 1.35 -7.67 0.90
N GLY A 149 2.33 -6.98 0.34
CA GLY A 149 2.37 -6.72 -1.08
C GLY A 149 3.30 -7.65 -1.84
N SER A 150 3.80 -7.16 -2.97
CA SER A 150 4.80 -7.83 -3.76
C SER A 150 6.20 -7.43 -3.30
N LEU A 151 7.20 -8.19 -3.73
CA LEU A 151 8.59 -7.80 -3.56
C LEU A 151 9.21 -7.50 -4.91
N ALA A 152 10.14 -6.55 -4.92
CA ALA A 152 10.98 -6.36 -6.08
C ALA A 152 11.88 -7.58 -6.24
N GLU A 153 12.02 -8.05 -7.48
CA GLU A 153 12.68 -9.34 -7.72
C GLU A 153 14.19 -9.26 -7.60
N GLU A 154 14.80 -8.12 -7.95
CA GLU A 154 16.26 -7.99 -7.95
C GLU A 154 16.65 -7.03 -6.85
N GLU A 155 16.95 -5.77 -7.16
CA GLU A 155 17.41 -4.80 -6.18
C GLU A 155 16.24 -4.00 -5.62
N ILE A 156 16.51 -3.25 -4.55
CA ILE A 156 15.51 -2.34 -4.00
C ILE A 156 15.28 -1.21 -5.00
N ILE A 157 14.01 -0.93 -5.30
CA ILE A 157 13.65 0.06 -6.31
C ILE A 157 13.19 1.32 -5.59
N ILE A 158 13.69 2.47 -6.05
CA ILE A 158 13.22 3.78 -5.62
C ILE A 158 12.28 4.30 -6.70
N ARG A 159 11.00 4.45 -6.37
CA ARG A 159 10.00 4.96 -7.30
C ARG A 159 9.56 6.35 -6.87
N SER A 160 9.45 7.25 -7.83
CA SER A 160 8.95 8.60 -7.59
C SER A 160 8.67 9.27 -8.93
N GLU A 161 7.55 10.00 -9.00
CA GLU A 161 7.27 10.77 -10.20
C GLU A 161 8.36 11.81 -10.44
N ASN A 162 8.87 12.41 -9.36
CA ASN A 162 9.83 13.49 -9.50
C ASN A 162 10.67 13.56 -8.22
N LEU A 163 11.90 13.05 -8.31
CA LEU A 163 12.77 12.97 -7.14
C LEU A 163 13.26 14.35 -6.70
N THR A 164 13.37 15.30 -7.62
CA THR A 164 13.86 16.62 -7.25
C THR A 164 12.77 17.50 -6.66
N ASN A 165 11.50 17.15 -6.86
CA ASN A 165 10.40 17.79 -6.16
C ASN A 165 10.17 17.06 -4.84
N ASN A 166 10.26 17.80 -3.74
CA ASN A 166 10.10 17.20 -2.41
C ASN A 166 8.66 16.93 -2.05
N ALA A 167 7.70 17.62 -2.67
CA ALA A 167 6.30 17.32 -2.41
C ALA A 167 5.91 15.95 -2.92
N LYS A 168 6.64 15.41 -3.90
CA LYS A 168 6.31 14.12 -4.50
C LYS A 168 6.62 12.98 -3.53
N THR A 169 5.69 12.03 -3.43
CA THR A 169 5.87 10.88 -2.55
C THR A 169 6.86 9.89 -3.16
N ILE A 170 7.66 9.25 -2.31
CA ILE A 170 8.64 8.25 -2.72
C ILE A 170 8.15 6.88 -2.29
N ILE A 171 8.15 5.93 -3.22
CA ILE A 171 7.81 4.54 -2.93
C ILE A 171 9.10 3.72 -2.95
N VAL A 172 9.41 3.09 -1.82
CA VAL A 172 10.57 2.21 -1.70
C VAL A 172 10.08 0.78 -1.84
N HIS A 173 10.45 0.10 -2.93
CA HIS A 173 10.03 -1.27 -3.18
C HIS A 173 11.11 -2.22 -2.69
N LEU A 174 10.83 -2.92 -1.60
CA LEU A 174 11.82 -3.82 -0.99
C LEU A 174 11.99 -5.09 -1.81
N ASN A 175 13.12 -5.75 -1.63
CA ASN A 175 13.36 -7.05 -2.21
C ASN A 175 13.36 -8.18 -1.18
N LYS A 176 13.23 -7.86 0.10
CA LYS A 176 13.07 -8.87 1.14
C LYS A 176 12.07 -8.35 2.17
N SER A 177 11.01 -9.13 2.41
CA SER A 177 9.97 -8.72 3.33
C SER A 177 10.44 -8.89 4.77
N VAL A 178 10.03 -7.95 5.62
CA VAL A 178 10.32 -7.99 7.05
C VAL A 178 9.01 -8.14 7.79
N GLU A 179 8.94 -9.11 8.69
CA GLU A 179 7.69 -9.42 9.36
C GLU A 179 7.34 -8.40 10.43
N ILE A 180 6.07 -8.01 10.45
CA ILE A 180 5.51 -7.13 11.46
C ILE A 180 4.42 -7.92 12.17
N ASN A 181 4.59 -8.13 13.47
CA ASN A 181 3.72 -9.02 14.24
C ASN A 181 3.04 -8.20 15.33
N CYS A 182 1.77 -7.89 15.13
CA CYS A 182 1.03 -6.95 15.96
C CYS A 182 -0.01 -7.69 16.79
N THR A 183 -0.05 -7.41 18.09
CA THR A 183 -0.86 -8.18 19.01
C THR A 183 -1.51 -7.29 20.05
N ARG A 184 -2.81 -7.50 20.27
CA ARG A 184 -3.53 -6.98 21.44
C ARG A 184 -3.83 -8.16 22.35
N PRO A 185 -3.11 -8.34 23.44
CA PRO A 185 -3.24 -9.58 24.21
C PRO A 185 -4.56 -9.68 24.96
N SER A 186 -4.93 -10.91 25.28
CA SER A 186 -6.07 -11.24 26.12
C SER A 186 -6.13 -10.38 27.39
N ASP A 195 -5.41 -1.46 29.74
CA ASP A 195 -6.23 -0.98 28.63
C ASP A 195 -6.65 -2.12 27.72
N ILE A 196 -7.90 -2.07 27.26
CA ILE A 196 -8.31 -2.97 26.18
C ILE A 196 -7.87 -2.45 24.82
N ARG A 197 -7.29 -1.25 24.78
CA ARG A 197 -6.82 -0.66 23.53
C ARG A 197 -5.30 -0.62 23.41
N LYS A 198 -4.57 -1.09 24.42
CA LYS A 198 -3.12 -1.14 24.34
C LYS A 198 -2.66 -2.36 23.54
N ALA A 199 -1.72 -2.14 22.62
CA ALA A 199 -1.21 -3.21 21.77
C ALA A 199 0.25 -2.93 21.45
N TYR A 200 0.86 -3.84 20.68
CA TYR A 200 2.26 -3.69 20.31
C TYR A 200 2.55 -4.51 19.05
N CYS A 201 3.54 -4.06 18.28
CA CYS A 201 4.01 -4.75 17.10
C CYS A 201 5.48 -5.12 17.29
N GLU A 202 5.81 -6.38 17.02
CA GLU A 202 7.16 -6.89 17.20
C GLU A 202 7.81 -7.12 15.85
N ILE A 203 9.04 -6.62 15.71
CA ILE A 203 9.80 -6.64 14.46
C ILE A 203 11.20 -7.19 14.76
N ASN A 204 11.76 -7.92 13.81
CA ASN A 204 13.15 -8.32 13.91
C ASN A 204 14.03 -7.12 13.65
N GLY A 205 14.72 -6.65 14.70
CA GLY A 205 15.63 -5.53 14.53
C GLY A 205 16.78 -5.84 13.59
N THR A 206 17.35 -7.04 13.70
CA THR A 206 18.42 -7.46 12.80
C THR A 206 17.98 -7.37 11.35
N LYS A 207 16.90 -8.08 11.01
CA LYS A 207 16.35 -8.02 9.66
C LYS A 207 16.04 -6.58 9.26
N TRP A 208 15.37 -5.84 10.15
CA TRP A 208 14.90 -4.51 9.80
C TRP A 208 16.06 -3.56 9.49
N ASN A 209 17.09 -3.58 10.33
CA ASN A 209 18.17 -2.60 10.18
C ASN A 209 19.03 -2.92 8.97
N LYS A 210 19.24 -4.21 8.70
CA LYS A 210 19.92 -4.63 7.48
C LYS A 210 19.29 -4.01 6.25
N VAL A 211 17.97 -4.18 6.10
CA VAL A 211 17.28 -3.73 4.91
C VAL A 211 17.28 -2.21 4.82
N LEU A 212 17.08 -1.52 5.94
CA LEU A 212 17.04 -0.06 5.89
C LEU A 212 18.42 0.53 5.59
N LYS A 213 19.48 -0.17 6.00
CA LYS A 213 20.82 0.20 5.57
C LYS A 213 20.93 0.16 4.05
N GLN A 214 20.37 -0.86 3.43
CA GLN A 214 20.37 -0.96 1.97
C GLN A 214 19.52 0.15 1.35
N VAL A 215 18.37 0.46 1.98
CA VAL A 215 17.52 1.54 1.47
C VAL A 215 18.30 2.84 1.42
N THR A 216 19.11 3.10 2.44
CA THR A 216 19.90 4.33 2.49
C THR A 216 21.01 4.34 1.46
N GLU A 217 21.63 3.18 1.20
CA GLU A 217 22.68 3.13 0.19
C GLU A 217 22.13 3.35 -1.22
N LYS A 218 20.85 3.07 -1.46
CA LYS A 218 20.31 3.30 -2.80
C LYS A 218 19.78 4.71 -2.95
N LEU A 219 19.20 5.27 -1.89
CA LEU A 219 18.89 6.69 -1.90
C LEU A 219 20.16 7.53 -2.04
N LYS A 220 21.28 7.03 -1.52
CA LYS A 220 22.57 7.68 -1.73
C LYS A 220 22.93 7.70 -3.21
N GLU A 221 22.63 6.63 -3.93
CA GLU A 221 22.90 6.59 -5.37
C GLU A 221 22.07 7.63 -6.11
N HIS A 222 20.81 7.79 -5.71
CA HIS A 222 19.89 8.68 -6.41
C HIS A 222 20.04 10.14 -6.01
N PHE A 223 20.81 10.45 -4.96
CA PHE A 223 20.88 11.82 -4.47
C PHE A 223 22.33 12.29 -4.34
N ASN A 224 23.22 11.70 -5.14
CA ASN A 224 24.61 12.16 -5.29
C ASN A 224 25.44 11.98 -4.00
N ASN A 225 25.31 10.79 -3.41
CA ASN A 225 26.24 10.26 -2.41
C ASN A 225 26.17 10.94 -1.05
N LYS A 226 25.58 12.13 -1.05
CA LYS A 226 24.91 12.76 0.09
C LYS A 226 24.61 11.86 1.29
N THR A 227 24.46 12.49 2.46
CA THR A 227 24.11 11.79 3.68
C THR A 227 22.59 11.65 3.79
N ILE A 228 22.11 10.42 3.94
CA ILE A 228 20.68 10.14 3.99
C ILE A 228 20.27 10.02 5.46
N ILE A 229 19.38 10.91 5.90
CA ILE A 229 18.89 10.93 7.28
C ILE A 229 17.42 10.50 7.28
N PHE A 230 17.04 9.73 8.29
CA PHE A 230 15.65 9.38 8.52
C PHE A 230 15.12 10.15 9.72
N GLN A 231 13.83 10.44 9.71
CA GLN A 231 13.25 11.26 10.77
C GLN A 231 11.78 10.91 10.88
N PRO A 232 11.20 10.99 12.08
CA PRO A 232 9.76 10.75 12.22
C PRO A 232 8.96 11.91 11.64
N PRO A 233 7.71 11.67 11.26
CA PRO A 233 6.89 12.77 10.73
C PRO A 233 6.62 13.81 11.81
N SER A 234 6.87 15.07 11.48
CA SER A 234 6.63 16.19 12.40
C SER A 234 5.30 16.85 12.01
N GLY A 235 4.26 16.58 12.80
CA GLY A 235 2.97 17.20 12.58
C GLY A 235 2.08 16.42 11.64
N GLY A 236 0.79 16.72 11.71
CA GLY A 236 -0.22 16.04 10.94
C GLY A 236 -1.20 15.29 11.82
N ASP A 237 -2.13 14.61 11.17
CA ASP A 237 -3.10 13.82 11.89
C ASP A 237 -2.48 12.53 12.42
N LEU A 238 -3.18 11.91 13.38
CA LEU A 238 -2.68 10.69 14.02
C LEU A 238 -2.43 9.58 13.01
N GLU A 239 -3.20 9.55 11.92
CA GLU A 239 -3.01 8.53 10.91
C GLU A 239 -1.75 8.78 10.09
N ILE A 240 -1.25 10.01 10.09
CA ILE A 240 -0.05 10.37 9.34
C ILE A 240 1.22 10.11 10.15
N THR A 241 1.22 10.51 11.42
CA THR A 241 2.40 10.37 12.26
C THR A 241 2.56 8.95 12.78
N MET A 242 1.51 8.14 12.78
CA MET A 242 1.58 6.75 13.17
C MET A 242 1.49 5.85 11.96
N HIS A 243 2.04 4.65 12.11
CA HIS A 243 1.75 3.55 11.19
C HIS A 243 0.33 3.06 11.48
N THR A 244 -0.61 3.38 10.60
CA THR A 244 -2.01 3.06 10.81
C THR A 244 -2.41 1.95 9.85
N PHE A 245 -3.12 0.95 10.38
CA PHE A 245 -3.58 -0.15 9.57
C PHE A 245 -4.83 -0.73 10.23
N ASN A 246 -5.50 -1.62 9.50
CA ASN A 246 -6.65 -2.34 10.02
C ASN A 246 -6.27 -3.81 10.18
N CYS A 247 -6.43 -4.32 11.40
CA CYS A 247 -6.22 -5.74 11.71
C CYS A 247 -7.51 -6.33 12.27
N ARG A 248 -8.15 -7.19 11.47
CA ARG A 248 -9.33 -7.93 11.89
C ARG A 248 -10.49 -7.01 12.28
N GLY A 249 -10.55 -5.83 11.65
CA GLY A 249 -11.60 -4.88 11.92
C GLY A 249 -11.20 -3.74 12.82
N GLU A 250 -10.12 -3.89 13.59
CA GLU A 250 -9.69 -2.87 14.54
C GLU A 250 -8.66 -1.95 13.90
N PHE A 251 -8.77 -0.66 14.20
CA PHE A 251 -7.88 0.35 13.64
C PHE A 251 -6.68 0.52 14.57
N PHE A 252 -5.52 0.06 14.10
CA PHE A 252 -4.28 0.07 14.86
C PHE A 252 -3.50 1.33 14.54
N TYR A 253 -3.02 2.03 15.56
CA TYR A 253 -2.08 3.13 15.40
C TYR A 253 -0.80 2.79 16.14
N CYS A 254 0.31 2.71 15.41
CA CYS A 254 1.57 2.29 15.98
C CYS A 254 2.64 3.36 15.80
N ASN A 255 3.45 3.54 16.83
CA ASN A 255 4.54 4.51 16.82
C ASN A 255 5.78 3.85 16.23
N THR A 256 6.29 4.39 15.13
CA THR A 256 7.39 3.79 14.39
C THR A 256 8.71 4.53 14.58
N THR A 257 8.84 5.33 15.65
CA THR A 257 10.07 6.08 15.83
C THR A 257 11.28 5.15 15.96
N GLN A 258 11.09 3.97 16.55
CA GLN A 258 12.20 3.02 16.67
C GLN A 258 12.67 2.52 15.32
N LEU A 259 11.75 2.40 14.34
CA LEU A 259 12.13 1.92 13.02
C LEU A 259 13.00 2.91 12.27
N PHE A 260 12.74 4.20 12.42
CA PHE A 260 13.48 5.24 11.71
C PHE A 260 14.46 5.90 12.67
N ASN A 261 15.27 4.98 13.16
CA ASN A 261 16.38 5.25 14.05
C ASN A 261 17.61 5.28 13.17
N ASN A 262 18.20 6.45 13.00
CA ASN A 262 19.36 6.60 12.14
C ASN A 262 20.60 5.92 12.72
N THR A 263 20.49 5.30 13.90
CA THR A 263 21.65 4.95 14.73
C THR A 263 21.99 3.48 14.66
N CYS A 264 21.07 2.57 14.99
CA CYS A 264 21.38 1.14 14.98
C CYS A 264 21.62 0.73 13.52
N ILE A 265 22.34 1.62 12.82
CA ILE A 265 22.85 1.70 11.40
C ILE A 265 24.30 2.23 11.57
N GLY A 272 23.86 -2.09 21.21
CA GLY A 272 22.89 -2.99 21.82
C GLY A 272 21.48 -2.77 21.30
N CYS A 273 21.25 -3.25 20.06
CA CYS A 273 20.12 -2.90 19.20
C CYS A 273 19.85 -3.89 18.05
N ASN A 274 20.06 -5.18 18.27
CA ASN A 274 19.81 -6.09 17.15
C ASN A 274 18.88 -7.22 17.56
N GLY A 275 18.02 -6.98 18.53
CA GLY A 275 17.01 -7.90 18.98
C GLY A 275 15.66 -7.56 18.41
N THR A 276 14.61 -7.78 19.20
CA THR A 276 13.26 -7.50 18.78
C THR A 276 12.91 -6.05 19.06
N ILE A 277 12.42 -5.35 18.04
CA ILE A 277 11.87 -4.01 18.23
C ILE A 277 10.38 -4.16 18.53
N THR A 278 9.95 -3.61 19.65
CA THR A 278 8.55 -3.62 20.04
C THR A 278 7.99 -2.22 19.91
N LEU A 279 7.00 -2.04 19.03
CA LEU A 279 6.40 -0.74 18.79
C LEU A 279 5.15 -0.57 19.62
N PRO A 280 4.96 0.57 20.30
CA PRO A 280 3.73 0.79 21.07
C PRO A 280 2.57 1.13 20.15
N CYS A 281 1.43 0.46 20.36
CA CYS A 281 0.26 0.68 19.53
C CYS A 281 -0.97 0.89 20.40
N LYS A 282 -1.97 1.55 19.81
CA LYS A 282 -3.27 1.73 20.44
C LYS A 282 -4.35 1.51 19.38
N ILE A 283 -5.38 0.76 19.74
CA ILE A 283 -6.55 0.63 18.88
C ILE A 283 -7.46 1.82 19.13
N LYS A 284 -7.81 2.52 18.06
CA LYS A 284 -8.65 3.71 18.15
C LYS A 284 -10.06 3.41 17.66
N GLN A 285 -11.05 3.94 18.39
CA GLN A 285 -12.44 3.85 17.98
C GLN A 285 -12.85 4.96 17.03
N ILE A 286 -12.26 6.14 17.19
CA ILE A 286 -12.56 7.31 16.38
C ILE A 286 -11.41 7.54 15.42
N ILE A 287 -11.69 7.50 14.12
CA ILE A 287 -10.66 7.63 13.09
C ILE A 287 -11.05 8.73 12.11
N ASN A 288 -10.03 9.29 11.46
CA ASN A 288 -10.21 10.26 10.38
C ASN A 288 -10.06 9.49 9.07
N MET A 289 -11.19 9.22 8.40
CA MET A 289 -11.23 8.30 7.28
C MET A 289 -10.24 8.67 6.18
N TRP A 290 -9.64 7.65 5.56
CA TRP A 290 -8.73 7.86 4.45
C TRP A 290 -9.43 8.34 3.20
N GLN A 291 -10.74 8.16 3.12
CA GLN A 291 -11.57 8.66 2.03
C GLN A 291 -11.79 10.16 2.11
N GLY A 292 -11.26 10.83 3.13
CA GLY A 292 -11.25 12.27 3.19
C GLY A 292 -12.55 12.95 3.58
N THR A 293 -13.57 12.17 3.95
CA THR A 293 -14.89 12.75 4.19
C THR A 293 -15.19 13.02 5.66
N GLY A 294 -14.23 12.81 6.57
CA GLY A 294 -14.42 13.25 7.95
C GLY A 294 -14.11 12.23 9.03
N GLN A 295 -14.92 12.23 10.08
CA GLN A 295 -14.72 11.38 11.25
C GLN A 295 -15.74 10.25 11.28
N ALA A 296 -15.31 9.10 11.80
CA ALA A 296 -16.17 7.94 11.99
C ALA A 296 -15.89 7.33 13.36
N MET A 297 -16.94 6.90 14.06
CA MET A 297 -16.79 6.26 15.35
C MET A 297 -17.28 4.82 15.28
N TYR A 298 -16.45 3.91 15.76
CA TYR A 298 -16.69 2.48 15.77
C TYR A 298 -16.79 1.99 17.21
N ALA A 299 -17.05 0.71 17.38
CA ALA A 299 -17.29 0.07 18.67
C ALA A 299 -16.00 -0.46 19.28
N PRO A 300 -15.99 -0.75 20.58
CA PRO A 300 -14.76 -1.20 21.25
C PRO A 300 -14.28 -2.55 20.73
N PRO A 301 -13.00 -2.87 20.94
CA PRO A 301 -12.44 -4.10 20.35
C PRO A 301 -13.09 -5.37 20.90
N ILE A 302 -13.02 -6.43 20.09
CA ILE A 302 -13.50 -7.73 20.51
C ILE A 302 -12.62 -8.27 21.64
N ASP A 303 -13.18 -9.17 22.43
CA ASP A 303 -12.45 -9.76 23.54
C ASP A 303 -11.48 -10.83 23.04
N GLY A 304 -10.38 -11.00 23.76
CA GLY A 304 -9.40 -12.02 23.45
C GLY A 304 -8.18 -11.49 22.72
N LYS A 305 -7.35 -12.44 22.29
CA LYS A 305 -6.07 -12.11 21.65
C LYS A 305 -6.30 -11.72 20.20
N ILE A 306 -5.89 -10.50 19.85
CA ILE A 306 -6.05 -9.95 18.51
C ILE A 306 -4.67 -9.80 17.90
N ASN A 307 -4.36 -10.64 16.90
CA ASN A 307 -3.02 -10.73 16.32
C ASN A 307 -3.09 -10.68 14.80
N CYS A 308 -2.17 -9.94 14.20
CA CYS A 308 -1.96 -9.92 12.76
C CYS A 308 -0.47 -9.90 12.48
N VAL A 309 0.01 -10.88 11.74
CA VAL A 309 1.37 -10.89 11.22
C VAL A 309 1.32 -10.53 9.75
N SER A 310 2.10 -9.53 9.34
CA SER A 310 2.09 -9.08 7.96
C SER A 310 3.52 -8.88 7.49
N ASN A 311 3.68 -8.73 6.18
CA ASN A 311 4.98 -8.54 5.55
C ASN A 311 5.16 -7.07 5.22
N ILE A 312 6.23 -6.47 5.73
CA ILE A 312 6.63 -5.14 5.27
C ILE A 312 7.32 -5.33 3.93
N THR A 313 6.68 -4.86 2.86
CA THR A 313 7.19 -5.03 1.51
C THR A 313 7.54 -3.72 0.83
N GLY A 314 7.17 -2.57 1.40
CA GLY A 314 7.44 -1.29 0.80
C GLY A 314 7.30 -0.17 1.81
N ILE A 315 7.93 0.96 1.54
CA ILE A 315 8.00 2.07 2.47
C ILE A 315 7.59 3.36 1.77
N LEU A 316 6.72 4.13 2.40
CA LEU A 316 6.29 5.43 1.89
C LEU A 316 7.11 6.53 2.54
N LEU A 317 7.69 7.40 1.72
CA LEU A 317 8.60 8.40 2.24
C LEU A 317 8.37 9.75 1.58
N THR A 318 8.56 10.81 2.37
CA THR A 318 8.57 12.19 1.89
C THR A 318 9.91 12.81 2.26
N ARG A 319 10.50 13.55 1.32
CA ARG A 319 11.81 14.15 1.53
C ARG A 319 11.69 15.58 2.01
N ASP A 320 12.59 15.98 2.91
CA ASP A 320 12.63 17.35 3.40
C ASP A 320 13.05 18.33 2.31
N GLY A 321 12.50 19.54 2.37
CA GLY A 321 12.93 20.63 1.52
C GLY A 321 13.87 21.59 2.23
N GLY A 322 14.35 22.57 1.48
CA GLY A 322 15.28 23.53 2.04
C GLY A 322 16.66 22.98 2.33
N ALA A 323 17.05 21.89 1.65
CA ALA A 323 18.33 21.23 1.87
C ALA A 323 19.15 21.15 0.59
N ASN A 324 19.02 22.15 -0.28
CA ASN A 324 19.77 22.15 -1.53
C ASN A 324 21.19 22.67 -1.35
N ASN A 325 21.41 23.53 -0.36
CA ASN A 325 22.74 24.03 -0.05
C ASN A 325 23.36 23.29 1.14
N THR A 326 22.64 22.34 1.73
CA THR A 326 23.19 21.50 2.79
C THR A 326 23.84 20.27 2.17
N SER A 327 24.41 19.43 3.03
CA SER A 327 25.04 18.18 2.60
C SER A 327 24.19 16.95 2.91
N ASN A 328 22.98 17.13 3.41
CA ASN A 328 22.11 16.01 3.76
C ASN A 328 20.80 16.06 2.99
N GLU A 329 20.09 14.93 3.05
CA GLU A 329 18.70 14.81 2.65
C GLU A 329 17.97 14.07 3.75
N THR A 330 16.77 14.52 4.10
CA THR A 330 16.01 13.94 5.19
C THR A 330 14.70 13.36 4.66
N PHE A 331 14.41 12.12 5.06
CA PHE A 331 13.23 11.41 4.61
C PHE A 331 12.43 10.98 5.84
N ARG A 332 11.12 11.20 5.80
CA ARG A 332 10.21 10.81 6.86
C ARG A 332 9.11 9.91 6.30
N PRO A 333 8.51 9.06 7.14
CA PRO A 333 7.43 8.19 6.67
C PRO A 333 6.21 9.00 6.24
N GLY A 334 5.69 8.67 5.08
CA GLY A 334 4.55 9.35 4.50
C GLY A 334 3.26 8.62 4.75
N GLY A 335 2.28 8.86 3.88
CA GLY A 335 0.98 8.26 4.03
C GLY A 335 -0.15 9.22 3.74
N GLY A 336 -1.38 8.71 3.77
CA GLY A 336 -2.53 9.54 3.55
C GLY A 336 -3.22 9.29 2.22
N ASP A 337 -2.49 9.44 1.12
CA ASP A 337 -3.05 9.19 -0.21
C ASP A 337 -2.90 7.71 -0.50
N MET A 338 -4.01 6.97 -0.37
CA MET A 338 -3.98 5.53 -0.57
C MET A 338 -3.76 5.17 -2.04
N ARG A 339 -3.92 6.13 -2.94
CA ARG A 339 -3.62 5.89 -4.35
C ARG A 339 -2.22 5.29 -4.50
N ASP A 340 -1.25 5.85 -3.76
CA ASP A 340 0.12 5.36 -3.84
C ASP A 340 0.24 3.90 -3.40
N ASN A 341 -0.63 3.47 -2.48
CA ASN A 341 -0.65 2.05 -2.08
C ASN A 341 -1.03 1.16 -3.26
N TRP A 342 -2.08 1.52 -4.00
CA TRP A 342 -2.42 0.76 -5.20
C TRP A 342 -1.36 0.93 -6.27
N ARG A 343 -0.82 2.15 -6.38
CA ARG A 343 0.23 2.45 -7.34
C ARG A 343 1.47 1.58 -7.11
N SER A 344 1.73 1.20 -5.87
CA SER A 344 2.86 0.34 -5.53
C SER A 344 2.75 -1.06 -6.14
N GLU A 345 1.54 -1.48 -6.51
CA GLU A 345 1.30 -2.81 -7.04
C GLU A 345 0.85 -2.81 -8.50
N LEU A 346 0.34 -1.69 -9.01
CA LEU A 346 -0.08 -1.57 -10.40
C LEU A 346 0.98 -0.90 -11.27
N TYR A 347 2.18 -0.69 -10.73
CA TYR A 347 3.20 0.11 -11.42
C TYR A 347 3.64 -0.55 -12.72
N LYS A 348 3.63 -1.87 -12.79
CA LYS A 348 4.09 -2.59 -13.98
C LYS A 348 2.95 -2.91 -14.94
N TYR A 349 1.82 -2.23 -14.79
CA TYR A 349 0.65 -2.49 -15.61
C TYR A 349 0.18 -1.19 -16.26
N LYS A 350 -0.40 -1.32 -17.45
CA LYS A 350 -1.09 -0.21 -18.09
C LYS A 350 -2.03 -0.75 -19.14
N VAL A 351 -3.14 -0.05 -19.35
CA VAL A 351 -4.15 -0.46 -20.32
C VAL A 351 -3.83 0.17 -21.65
N VAL A 352 -4.00 -0.60 -22.73
CA VAL A 352 -3.91 -0.09 -24.09
C VAL A 352 -5.18 -0.51 -24.84
N GLN A 353 -5.38 0.16 -25.98
CA GLN A 353 -6.48 -0.11 -26.89
C GLN A 353 -5.91 -0.78 -28.12
N ILE A 354 -6.41 -1.96 -28.46
CA ILE A 354 -5.84 -2.71 -29.58
C ILE A 354 -6.37 -2.15 -30.89
N GLU A 355 -5.46 -1.87 -31.81
CA GLU A 355 -5.78 -1.27 -33.09
C GLU A 355 -5.66 -2.28 -34.23
C1 NAG B . 13.41 6.03 -13.75
C2 NAG B . 14.10 7.24 -13.12
C3 NAG B . 14.07 8.42 -14.10
C4 NAG B . 14.68 8.01 -15.43
C5 NAG B . 14.00 6.75 -15.96
C6 NAG B . 14.65 6.21 -17.21
C7 NAG B . 13.92 7.16 -10.68
C8 NAG B . 13.16 7.63 -9.47
N2 NAG B . 13.47 7.61 -11.86
O3 NAG B . 14.81 9.51 -13.54
O4 NAG B . 14.54 9.07 -16.37
O5 NAG B . 14.06 5.70 -14.98
O6 NAG B . 13.78 5.35 -17.93
O7 NAG B . 14.89 6.42 -10.58
C1 NAG C . 11.20 -11.49 -19.29
C2 NAG C . 12.51 -12.30 -19.22
C3 NAG C . 12.67 -13.04 -17.88
C4 NAG C . 11.39 -13.76 -17.43
C5 NAG C . 10.14 -13.03 -17.89
C6 NAG C . 9.02 -13.06 -16.88
C7 NAG C . 13.12 -12.87 -21.53
C8 NAG C . 13.16 -13.94 -22.58
N2 NAG C . 12.61 -13.22 -20.34
O3 NAG C . 13.09 -12.12 -16.88
O4 NAG C . 11.36 -15.10 -17.91
O5 NAG C . 10.47 -11.66 -18.11
O6 NAG C . 9.32 -12.26 -15.75
O7 NAG C . 13.52 -11.73 -21.74
C1 NAG D . -1.36 -9.92 5.94
C2 NAG D . -2.45 -9.40 6.87
C3 NAG D . -2.61 -10.32 8.07
C4 NAG D . -2.87 -11.75 7.60
C5 NAG D . -1.75 -12.19 6.65
C6 NAG D . -2.00 -13.56 6.06
C7 NAG D . -2.99 -7.02 7.13
C8 NAG D . -2.52 -5.69 7.66
N2 NAG D . -2.15 -8.04 7.30
O3 NAG D . -3.69 -9.88 8.88
O4 NAG D . -2.91 -12.64 8.71
O5 NAG D . -1.66 -11.27 5.56
O6 NAG D . -3.06 -13.52 5.11
O7 NAG D . -4.08 -7.15 6.58
C1 NAG E . 10.47 18.15 -10.69
C2 NAG E . 10.28 18.87 -12.04
C3 NAG E . 11.18 20.13 -12.12
C4 NAG E . 11.06 20.98 -10.85
C5 NAG E . 11.33 20.10 -9.65
C6 NAG E . 11.25 20.84 -8.33
C7 NAG E . 9.66 17.40 -13.92
C8 NAG E . 10.18 16.52 -15.01
N2 NAG E . 10.58 17.98 -13.15
O3 NAG E . 10.83 20.90 -13.26
O4 NAG E . 11.99 22.05 -10.88
O5 NAG E . 10.35 19.07 -9.62
O6 NAG E . 9.91 20.86 -7.83
O7 NAG E . 8.46 17.59 -13.74
C1 NAG F . 18.31 -6.23 -2.31
C2 NAG F . 19.26 -7.42 -2.42
C3 NAG F . 20.67 -7.02 -1.99
C4 NAG F . 21.13 -5.79 -2.74
C5 NAG F . 20.12 -4.66 -2.60
C6 NAG F . 20.47 -3.44 -3.42
C7 NAG F . 18.18 -9.61 -2.15
C8 NAG F . 17.75 -10.68 -1.20
N2 NAG F . 18.78 -8.54 -1.63
O3 NAG F . 21.56 -8.11 -2.25
O4 NAG F . 22.39 -5.35 -2.22
O5 NAG F . 18.84 -5.12 -3.05
O6 NAG F . 19.43 -2.47 -3.39
O7 NAG F . 18.00 -9.72 -3.37
C1 NAG G . 3.58 -12.89 17.28
C2 NAG G . 4.14 -14.33 17.22
C3 NAG G . 3.45 -15.21 18.28
C4 NAG G . 3.51 -14.56 19.65
C5 NAG G . 2.96 -13.15 19.59
C6 NAG G . 3.10 -12.40 20.90
C7 NAG G . 4.95 -14.96 14.99
C8 NAG G . 4.58 -15.59 13.68
N2 NAG G . 3.96 -14.90 15.90
O3 NAG G . 4.09 -16.48 18.31
O4 NAG G . 2.75 -15.32 20.58
O5 NAG G . 3.68 -12.39 18.60
O6 NAG G . 3.96 -11.26 20.77
O7 NAG G . 6.07 -14.53 15.22
C1 NAG H . 16.16 -12.06 12.97
C2 NAG H . 15.76 -13.24 13.90
C3 NAG H . 16.71 -14.44 13.83
C4 NAG H . 17.36 -14.65 12.46
C5 NAG H . 17.77 -13.32 11.87
C6 NAG H . 18.37 -13.42 10.49
C7 NAG H . 14.56 -12.39 15.88
C8 NAG H . 14.70 -11.90 17.29
N2 NAG H . 15.69 -12.75 15.27
O3 NAG H . 15.94 -15.59 14.13
O4 NAG H . 18.53 -15.46 12.60
O5 NAG H . 16.58 -12.55 11.75
O6 NAG H . 18.57 -12.13 9.93
O7 NAG H . 13.46 -12.47 15.33
C1 NAG I . 6.49 8.15 19.49
C2 NAG I . 5.70 9.44 19.74
C3 NAG I . 6.62 10.58 20.18
C4 NAG I . 7.49 10.14 21.35
C5 NAG I . 8.23 8.87 20.98
C6 NAG I . 9.08 8.32 22.11
C7 NAG I . 3.71 10.30 18.58
C8 NAG I . 3.09 10.65 17.25
N2 NAG I . 4.95 9.82 18.54
O3 NAG I . 5.83 11.70 20.55
O4 NAG I . 8.42 11.17 21.68
O5 NAG I . 7.30 7.85 20.64
O6 NAG I . 9.39 6.95 21.88
O7 NAG I . 3.09 10.45 19.65
C1 NAG J . 29.23 8.11 -5.30
C2 NAG J . 30.14 8.49 -6.45
C3 NAG J . 30.74 7.24 -7.09
C4 NAG J . 31.33 6.31 -6.02
C5 NAG J . 30.34 6.08 -4.90
C6 NAG J . 30.92 5.29 -3.75
C7 NAG J . 29.18 10.58 -7.31
C8 NAG J . 28.41 11.22 -8.43
N2 NAG J . 29.42 9.27 -7.44
O3 NAG J . 31.76 7.63 -7.99
O4 NAG J . 31.67 5.06 -6.60
O5 NAG J . 29.94 7.34 -4.37
O6 NAG J . 31.01 3.91 -4.06
O7 NAG J . 29.57 11.22 -6.34
C1 NAG K . 5.52 -13.00 3.40
C2 NAG K . 4.34 -13.65 2.67
C3 NAG K . 4.69 -15.09 2.27
C4 NAG K . 5.96 -15.10 1.43
C5 NAG K . 7.08 -14.45 2.22
C6 NAG K . 8.36 -14.31 1.42
C7 NAG K . 2.06 -12.89 3.15
C8 NAG K . 0.91 -12.98 4.10
N2 NAG K . 3.14 -13.62 3.48
O3 NAG K . 3.61 -15.65 1.53
O4 NAG K . 6.31 -16.43 1.09
O5 NAG K . 6.71 -13.11 2.60
O6 NAG K . 9.15 -13.23 1.89
O7 NAG K . 2.03 -12.21 2.13
C02 O51 L . -2.05 12.68 1.33
C03 O51 L . -2.53 13.36 2.69
C05 O51 L . -4.67 13.05 4.13
C07 O51 L . -5.55 10.72 4.90
C08 O51 L . -6.28 10.13 6.18
C09 O51 L . -5.87 8.61 6.50
O10 O51 L . -4.77 8.23 6.12
C12 O51 L . -6.58 6.26 7.57
C13 O51 L . -5.42 5.56 7.23
C14 O51 L . -5.21 4.17 7.54
C16 O51 L . -6.31 3.48 8.22
C18 O51 L . -7.47 4.18 8.55
C19 O51 L . -7.61 5.54 8.22
C20 O51 L . -5.98 11.11 7.37
C21 O51 L . -6.66 12.51 7.09
C22 O51 L . -6.79 12.82 5.56
F15 O51 L . -4.11 3.48 7.24
N01 O51 L . -0.55 12.82 1.12
N04 O51 L . -3.52 12.50 3.41
N06 O51 L . -5.66 12.20 4.84
N11 O51 L . -6.79 7.69 7.21
O23 O51 L . -4.82 14.28 4.13
CL1 O51 L . -6.08 1.82 8.60
N1 EPE M . -17.48 -2.21 -10.31
C2 EPE M . -16.70 -3.39 -10.70
C3 EPE M . -15.21 -3.16 -10.50
N4 EPE M . -14.79 -1.92 -11.12
C5 EPE M . -15.60 -0.74 -10.94
C6 EPE M . -17.09 -1.04 -11.12
C7 EPE M . -13.42 -1.82 -11.59
C8 EPE M . -12.75 -0.49 -11.23
O8 EPE M . -13.05 0.50 -12.20
C9 EPE M . -18.89 -2.48 -10.59
C10 EPE M . -19.43 -3.56 -9.66
S EPE M . -21.23 -3.50 -9.54
O1S EPE M . -21.74 -2.54 -10.51
O2S EPE M . -21.59 -3.11 -8.19
O3S EPE M . -21.78 -4.83 -9.81
#